data_5BMQ
#
_entry.id   5BMQ
#
_cell.length_a   143.356
_cell.length_b   143.356
_cell.length_c   143.356
_cell.angle_alpha   90.000
_cell.angle_beta   90.000
_cell.angle_gamma   90.000
#
_symmetry.space_group_name_H-M   'I 21 3'
#
loop_
_entity.id
_entity.type
_entity.pdbx_description
1 polymer 'ErfK/YbiS/YcfS/YnhG family protein'
2 non-polymer 'SULFATE ION'
3 non-polymer '1,4-DIETHYLENE DIOXIDE'
4 non-polymer GLYCEROL
5 water water
#
_entity_poly.entity_id   1
_entity_poly.type   'polypeptide(L)'
_entity_poly.pdbx_seq_one_letter_code
;AYASDGSDQADLVSATEEAKDEKSEEPTPSETPTETETATPTTDHDCGKAGEYQKDLETTLASLADYGTIFADGKQSKED
CAAIKKFQKR(MSE)GIQPAEGYAGKLTLDVAQRIAKSSFDKCQEAKKGKTVCVDLTHQTLWVVEDGKRIFEPTVVRTG
(MSE)AGYATQPGAWKIFVKEGTHWSKKYKVWLPYWQNFNNGEGLHTTTTYIHEPWIGSHGCVNLLPSDSKKLYE(MSE)
LDFGDTVQVFGNRPGT
;
_entity_poly.pdbx_strand_id   A
#
loop_
_chem_comp.id
_chem_comp.type
_chem_comp.name
_chem_comp.formula
DIO non-polymer '1,4-DIETHYLENE DIOXIDE' 'C4 H8 O2'
GOL non-polymer GLYCEROL 'C3 H8 O3'
SO4 non-polymer 'SULFATE ION' 'O4 S -2'
#
# COMPACT_ATOMS: atom_id res chain seq x y z
N ALA A 39 -13.21 -12.64 -24.77
CA ALA A 39 -12.70 -12.25 -26.12
C ALA A 39 -13.02 -10.81 -26.47
N THR A 40 -14.25 -10.37 -26.20
CA THR A 40 -14.66 -8.99 -26.48
C THR A 40 -15.38 -8.39 -25.27
N PRO A 41 -15.28 -7.06 -25.09
CA PRO A 41 -15.89 -6.44 -23.91
C PRO A 41 -17.41 -6.60 -23.84
N THR A 42 -17.91 -6.85 -22.63
CA THR A 42 -19.34 -6.85 -22.38
C THR A 42 -19.76 -5.42 -22.05
N THR A 43 -20.43 -4.77 -22.99
CA THR A 43 -20.78 -3.35 -22.89
C THR A 43 -21.95 -3.08 -21.94
N ASP A 44 -22.73 -4.12 -21.65
CA ASP A 44 -23.82 -4.03 -20.69
C ASP A 44 -23.32 -4.41 -19.30
N HIS A 45 -23.20 -3.40 -18.43
CA HIS A 45 -22.71 -3.60 -17.06
C HIS A 45 -23.50 -2.72 -16.07
N ASP A 46 -23.32 -2.98 -14.78
CA ASP A 46 -24.05 -2.27 -13.73
C ASP A 46 -23.20 -1.21 -12.99
N CYS A 47 -22.11 -0.79 -13.64
CA CYS A 47 -21.23 0.23 -13.10
C CYS A 47 -21.51 1.56 -13.79
N GLY A 48 -20.89 2.63 -13.32
CA GLY A 48 -21.11 3.94 -13.92
C GLY A 48 -20.51 4.04 -15.31
N LYS A 49 -20.94 5.04 -16.07
CA LYS A 49 -20.27 5.47 -17.29
C LYS A 49 -18.80 5.73 -16.96
N ALA A 50 -17.90 5.42 -17.88
CA ALA A 50 -16.45 5.51 -17.63
C ALA A 50 -16.03 6.86 -17.04
N GLY A 51 -15.21 6.80 -15.99
CA GLY A 51 -14.61 8.00 -15.40
C GLY A 51 -13.55 8.59 -16.30
N GLU A 52 -13.04 9.76 -15.92
CA GLU A 52 -12.09 10.51 -16.75
C GLU A 52 -10.76 9.76 -16.98
N TYR A 53 -10.38 8.90 -16.05
CA TYR A 53 -9.08 8.24 -16.10
C TYR A 53 -9.16 6.76 -16.51
N GLN A 54 -10.28 6.38 -17.13
CA GLN A 54 -10.52 4.99 -17.54
C GLN A 54 -9.36 4.42 -18.35
N LYS A 55 -8.94 5.14 -19.40
CA LYS A 55 -7.89 4.65 -20.30
C LYS A 55 -6.57 4.41 -19.56
N ASP A 56 -6.08 5.42 -18.85
CA ASP A 56 -4.81 5.30 -18.13
C ASP A 56 -4.86 4.24 -17.02
N LEU A 57 -6.00 4.12 -16.34
CA LEU A 57 -6.15 3.11 -15.29
C LEU A 57 -6.10 1.70 -15.88
N GLU A 58 -6.86 1.48 -16.95
CA GLU A 58 -6.85 0.20 -17.67
C GLU A 58 -5.44 -0.22 -18.06
N THR A 59 -4.67 0.73 -18.59
CA THR A 59 -3.29 0.48 -19.02
C THR A 59 -2.41 0.11 -17.82
N THR A 60 -2.53 0.85 -16.74
CA THR A 60 -1.74 0.60 -15.53
C THR A 60 -2.07 -0.77 -14.95
N LEU A 61 -3.36 -1.07 -14.79
CA LEU A 61 -3.78 -2.35 -14.23
C LEU A 61 -3.37 -3.53 -15.10
N ALA A 62 -3.42 -3.36 -16.42
CA ALA A 62 -2.96 -4.40 -17.33
C ALA A 62 -1.48 -4.73 -17.11
N SER A 63 -0.65 -3.69 -16.91
CA SER A 63 0.78 -3.90 -16.65
C SER A 63 1.04 -4.57 -15.29
N LEU A 64 0.17 -4.33 -14.32
CA LEU A 64 0.25 -5.01 -13.02
C LEU A 64 -0.06 -6.50 -13.16
N ALA A 65 -0.90 -6.84 -14.14
CA ALA A 65 -1.09 -8.23 -14.58
C ALA A 65 -1.57 -9.19 -13.49
N ASP A 66 -2.47 -8.73 -12.63
CA ASP A 66 -3.04 -9.59 -11.60
C ASP A 66 -4.53 -9.33 -11.32
N TYR A 67 -5.20 -8.59 -12.22
CA TYR A 67 -6.60 -8.19 -11.98
C TYR A 67 -7.56 -8.68 -13.07
N GLY A 68 -7.14 -9.68 -13.84
CA GLY A 68 -8.01 -10.36 -14.79
C GLY A 68 -8.06 -9.69 -16.16
N THR A 69 -9.08 -10.06 -16.93
CA THR A 69 -9.24 -9.56 -18.29
C THR A 69 -9.48 -8.05 -18.29
N ILE A 70 -8.68 -7.34 -19.09
CA ILE A 70 -8.79 -5.89 -19.24
C ILE A 70 -8.79 -5.54 -20.73
N PHE A 71 -9.70 -4.65 -21.12
CA PHE A 71 -9.74 -4.12 -22.49
C PHE A 71 -9.33 -2.65 -22.46
N ALA A 72 -8.08 -2.38 -22.81
CA ALA A 72 -7.52 -1.03 -22.73
C ALA A 72 -8.01 -0.16 -23.88
N ASP A 73 -9.25 0.33 -23.76
CA ASP A 73 -9.89 1.13 -24.81
C ASP A 73 -10.54 2.43 -24.33
N GLY A 74 -10.46 2.72 -23.03
CA GLY A 74 -11.10 3.91 -22.47
C GLY A 74 -12.59 3.79 -22.25
N LYS A 75 -13.15 2.62 -22.52
CA LYS A 75 -14.58 2.36 -22.38
C LYS A 75 -14.79 1.41 -21.20
N GLN A 76 -15.78 1.70 -20.37
CA GLN A 76 -16.09 0.82 -19.24
C GLN A 76 -16.84 -0.42 -19.75
N SER A 77 -16.51 -1.57 -19.17
CA SER A 77 -17.15 -2.83 -19.51
C SER A 77 -17.34 -3.65 -18.24
N LYS A 78 -18.06 -4.76 -18.34
CA LYS A 78 -18.24 -5.66 -17.21
C LYS A 78 -16.88 -6.18 -16.72
N GLU A 79 -15.98 -6.46 -17.66
CA GLU A 79 -14.67 -7.02 -17.35
C GLU A 79 -13.76 -5.97 -16.71
N ASP A 80 -13.72 -4.78 -17.30
CA ASP A 80 -12.91 -3.70 -16.78
C ASP A 80 -13.41 -3.24 -15.41
N CYS A 81 -14.74 -3.19 -15.25
CA CYS A 81 -15.33 -2.86 -13.96
C CYS A 81 -14.93 -3.87 -12.88
N ALA A 82 -14.98 -5.15 -13.22
CA ALA A 82 -14.58 -6.19 -12.27
C ALA A 82 -13.11 -6.05 -11.88
N ALA A 83 -12.25 -5.76 -12.84
CA ALA A 83 -10.82 -5.57 -12.60
C ALA A 83 -10.57 -4.37 -11.68
N ILE A 84 -11.25 -3.27 -11.95
CA ILE A 84 -11.09 -2.04 -11.16
C ILE A 84 -11.60 -2.26 -9.73
N LYS A 85 -12.75 -2.89 -9.58
CA LYS A 85 -13.30 -3.21 -8.26
C LYS A 85 -12.36 -4.10 -7.45
N LYS A 86 -11.76 -5.09 -8.11
CA LYS A 86 -10.81 -5.99 -7.46
C LYS A 86 -9.59 -5.22 -6.94
N PHE A 87 -9.07 -4.32 -7.77
CA PHE A 87 -7.96 -3.47 -7.38
C PHE A 87 -8.35 -2.55 -6.22
N GLN A 88 -9.51 -1.91 -6.33
CA GLN A 88 -9.98 -1.00 -5.30
C GLN A 88 -10.15 -1.71 -3.94
N LYS A 89 -10.73 -2.90 -3.97
CA LYS A 89 -10.87 -3.71 -2.76
C LYS A 89 -9.51 -4.06 -2.15
N ARG A 90 -8.57 -4.50 -2.99
CA ARG A 90 -7.26 -4.90 -2.51
C ARG A 90 -6.51 -3.72 -1.89
N MSE A 91 -6.64 -2.53 -2.48
CA MSE A 91 -5.93 -1.34 -2.01
C MSE A 91 -6.75 -0.49 -1.07
O MSE A 91 -6.35 0.63 -0.75
CB MSE A 91 -5.43 -0.53 -3.21
CG MSE A 91 -4.50 -1.31 -4.12
SE MSE A 91 -3.01 -2.15 -3.14
CE MSE A 91 -2.16 -3.12 -4.63
N GLY A 92 -7.89 -1.01 -0.60
CA GLY A 92 -8.70 -0.33 0.39
C GLY A 92 -9.30 0.99 -0.06
N ILE A 93 -9.55 1.13 -1.36
CA ILE A 93 -10.22 2.31 -1.89
C ILE A 93 -11.72 2.12 -1.67
N GLN A 94 -12.33 3.07 -0.96
CA GLN A 94 -13.73 2.96 -0.55
C GLN A 94 -14.56 4.11 -1.13
N PRO A 95 -15.69 3.80 -1.79
CA PRO A 95 -16.20 2.46 -2.07
C PRO A 95 -15.44 1.83 -3.25
N ALA A 96 -15.48 0.52 -3.35
CA ALA A 96 -14.92 -0.17 -4.50
C ALA A 96 -16.03 -0.29 -5.52
N GLU A 97 -16.30 0.80 -6.22
CA GLU A 97 -17.47 0.88 -7.11
C GLU A 97 -17.11 0.82 -8.61
N GLY A 98 -15.84 0.57 -8.91
CA GLY A 98 -15.40 0.38 -10.30
C GLY A 98 -15.13 1.65 -11.07
N TYR A 99 -15.24 2.81 -10.42
CA TYR A 99 -15.09 4.10 -11.08
C TYR A 99 -13.61 4.46 -11.20
N ALA A 100 -13.17 4.74 -12.43
CA ALA A 100 -11.79 5.12 -12.68
C ALA A 100 -11.55 6.58 -12.33
N GLY A 101 -11.54 6.86 -11.02
CA GLY A 101 -11.34 8.21 -10.51
C GLY A 101 -9.87 8.52 -10.30
N LYS A 102 -9.59 9.75 -9.89
CA LYS A 102 -8.20 10.21 -9.72
C LYS A 102 -7.45 9.41 -8.66
N LEU A 103 -8.10 9.17 -7.52
CA LEU A 103 -7.45 8.42 -6.43
C LEU A 103 -7.05 7.03 -6.91
N THR A 104 -7.94 6.35 -7.61
CA THR A 104 -7.68 4.99 -8.06
C THR A 104 -6.52 4.93 -9.04
N LEU A 105 -6.46 5.88 -9.98
CA LEU A 105 -5.34 5.98 -10.90
C LEU A 105 -4.04 6.30 -10.16
N ASP A 106 -4.09 7.26 -9.25
CA ASP A 106 -2.92 7.66 -8.45
C ASP A 106 -2.35 6.47 -7.68
N VAL A 107 -3.22 5.70 -7.04
CA VAL A 107 -2.78 4.51 -6.30
C VAL A 107 -2.20 3.46 -7.24
N ALA A 108 -2.86 3.21 -8.36
CA ALA A 108 -2.37 2.25 -9.36
C ALA A 108 -0.99 2.62 -9.88
N GLN A 109 -0.79 3.91 -10.14
N GLN A 109 -0.78 3.90 -10.14
CA GLN A 109 0.51 4.40 -10.63
CA GLN A 109 0.51 4.40 -10.62
C GLN A 109 1.60 4.28 -9.56
C GLN A 109 1.59 4.28 -9.55
N ARG A 110 1.24 4.59 -8.31
CA ARG A 110 2.18 4.44 -7.19
C ARG A 110 2.64 2.99 -7.05
N ILE A 111 1.69 2.05 -7.13
CA ILE A 111 2.00 0.63 -7.05
C ILE A 111 2.91 0.23 -8.21
N ALA A 112 2.56 0.67 -9.42
CA ALA A 112 3.34 0.33 -10.62
C ALA A 112 4.75 0.94 -10.60
N LYS A 113 4.88 2.14 -10.03
CA LYS A 113 6.18 2.83 -10.00
C LYS A 113 7.00 2.57 -8.74
N SER A 114 6.59 1.60 -7.91
CA SER A 114 7.32 1.25 -6.70
C SER A 114 8.81 1.00 -7.00
N SER A 115 9.69 1.70 -6.27
CA SER A 115 11.12 1.70 -6.58
C SER A 115 11.84 0.46 -6.07
N PHE A 116 11.66 -0.66 -6.77
CA PHE A 116 12.26 -1.94 -6.39
C PHE A 116 13.78 -1.88 -6.28
N ASP A 117 14.42 -1.13 -7.18
N ASP A 117 14.42 -1.13 -7.18
CA ASP A 117 15.87 -1.04 -7.22
CA ASP A 117 15.87 -1.04 -7.22
C ASP A 117 16.47 -0.08 -6.18
C ASP A 117 16.46 -0.09 -6.17
N LYS A 118 15.61 0.65 -5.47
CA LYS A 118 16.07 1.59 -4.42
C LYS A 118 16.07 0.99 -3.01
N CYS A 119 15.58 -0.24 -2.85
CA CYS A 119 15.49 -0.88 -1.54
C CYS A 119 16.71 -1.77 -1.28
N GLN A 120 17.56 -1.35 -0.33
CA GLN A 120 18.71 -2.19 0.05
C GLN A 120 18.24 -3.37 0.89
N GLU A 121 18.47 -4.58 0.38
CA GLU A 121 18.09 -5.79 1.07
C GLU A 121 19.07 -6.08 2.20
N ALA A 122 18.56 -6.45 3.36
CA ALA A 122 19.40 -6.81 4.50
C ALA A 122 19.97 -8.20 4.33
N LYS A 123 21.11 -8.47 4.98
CA LYS A 123 21.78 -9.76 4.86
C LYS A 123 20.94 -10.91 5.41
N LYS A 124 20.36 -10.72 6.59
CA LYS A 124 19.63 -11.77 7.30
C LYS A 124 18.13 -11.46 7.34
N GLY A 125 17.33 -12.52 7.38
CA GLY A 125 15.88 -12.41 7.51
C GLY A 125 15.21 -11.77 6.31
N LYS A 126 14.06 -11.15 6.54
CA LYS A 126 13.30 -10.48 5.51
C LYS A 126 13.54 -8.98 5.59
N THR A 127 13.37 -8.30 4.46
CA THR A 127 13.47 -6.85 4.43
C THR A 127 12.11 -6.30 4.02
N VAL A 128 11.57 -5.43 4.86
CA VAL A 128 10.34 -4.72 4.55
C VAL A 128 10.76 -3.42 3.88
N CYS A 129 10.42 -3.29 2.61
CA CYS A 129 10.80 -2.13 1.83
C CYS A 129 9.71 -1.09 1.92
N VAL A 130 10.01 0.04 2.53
CA VAL A 130 9.05 1.13 2.68
C VAL A 130 9.47 2.31 1.79
N ASP A 131 8.79 2.41 0.65
CA ASP A 131 9.04 3.47 -0.32
C ASP A 131 8.21 4.70 0.05
N LEU A 132 8.85 5.65 0.75
CA LEU A 132 8.16 6.86 1.19
C LEU A 132 7.68 7.73 0.03
N THR A 133 8.43 7.72 -1.07
CA THR A 133 8.10 8.56 -2.22
C THR A 133 6.79 8.10 -2.88
N HIS A 134 6.65 6.80 -3.06
CA HIS A 134 5.43 6.25 -3.67
C HIS A 134 4.39 5.80 -2.65
N GLN A 135 4.73 5.90 -1.37
CA GLN A 135 3.83 5.47 -0.28
C GLN A 135 3.35 4.04 -0.52
N THR A 136 4.32 3.16 -0.74
CA THR A 136 4.06 1.75 -0.92
C THR A 136 5.04 0.92 -0.12
N LEU A 137 4.69 -0.35 0.06
CA LEU A 137 5.47 -1.28 0.87
C LEU A 137 5.45 -2.65 0.22
N TRP A 138 6.61 -3.30 0.20
CA TRP A 138 6.70 -4.70 -0.20
C TRP A 138 7.74 -5.40 0.68
N VAL A 139 7.85 -6.72 0.55
CA VAL A 139 8.79 -7.49 1.37
C VAL A 139 9.66 -8.37 0.48
N VAL A 140 10.96 -8.40 0.76
CA VAL A 140 11.88 -9.27 0.05
C VAL A 140 12.56 -10.25 1.01
N GLU A 141 12.85 -11.44 0.50
CA GLU A 141 13.62 -12.44 1.22
C GLU A 141 14.46 -13.24 0.23
N ASP A 142 15.75 -13.37 0.51
CA ASP A 142 16.69 -14.11 -0.35
C ASP A 142 16.61 -13.66 -1.81
N GLY A 143 16.57 -12.34 -2.02
CA GLY A 143 16.59 -11.76 -3.35
C GLY A 143 15.29 -11.79 -4.13
N LYS A 144 14.20 -12.25 -3.51
CA LYS A 144 12.90 -12.35 -4.19
C LYS A 144 11.79 -11.69 -3.38
N ARG A 145 10.86 -11.04 -4.08
CA ARG A 145 9.68 -10.46 -3.42
C ARG A 145 8.73 -11.56 -3.00
N ILE A 146 8.38 -11.57 -1.72
CA ILE A 146 7.43 -12.54 -1.17
C ILE A 146 6.12 -11.87 -0.76
N PHE A 147 6.08 -10.55 -0.84
CA PHE A 147 4.87 -9.77 -0.56
C PHE A 147 4.87 -8.62 -1.57
N GLU A 148 3.89 -8.61 -2.47
CA GLU A 148 3.85 -7.60 -3.53
C GLU A 148 3.46 -6.22 -2.98
N PRO A 149 3.80 -5.15 -3.72
CA PRO A 149 3.54 -3.79 -3.24
C PRO A 149 2.10 -3.55 -2.81
N THR A 150 1.94 -2.90 -1.65
CA THR A 150 0.65 -2.43 -1.21
C THR A 150 0.77 -0.98 -0.77
N VAL A 151 -0.36 -0.34 -0.50
CA VAL A 151 -0.39 1.06 -0.08
C VAL A 151 -0.08 1.19 1.40
N VAL A 152 0.61 2.27 1.75
CA VAL A 152 0.80 2.68 3.15
C VAL A 152 0.58 4.17 3.27
N ARG A 153 0.45 4.64 4.49
CA ARG A 153 0.51 6.07 4.80
C ARG A 153 1.51 6.26 5.92
N THR A 154 2.56 7.03 5.63
CA THR A 154 3.62 7.31 6.59
C THR A 154 3.49 8.73 7.13
N GLY A 155 4.50 9.19 7.87
CA GLY A 155 4.42 10.47 8.57
C GLY A 155 4.08 11.65 7.69
N MSE A 156 3.09 12.44 8.11
CA MSE A 156 2.71 13.67 7.40
C MSE A 156 3.72 14.76 7.71
O MSE A 156 4.69 14.54 8.45
CB MSE A 156 1.29 14.07 7.79
CG MSE A 156 1.17 14.62 9.21
SE MSE A 156 -0.74 14.65 9.67
CE MSE A 156 -0.58 15.39 11.47
N ALA A 157 3.50 15.95 7.14
CA ALA A 157 4.40 17.08 7.34
C ALA A 157 4.58 17.38 8.83
N GLY A 158 5.83 17.49 9.26
CA GLY A 158 6.15 17.70 10.67
C GLY A 158 6.39 16.41 11.45
N TYR A 159 5.96 15.29 10.88
CA TYR A 159 6.06 13.99 11.55
C TYR A 159 6.67 12.94 10.64
N ALA A 160 7.54 13.37 9.72
CA ALA A 160 8.06 12.48 8.69
C ALA A 160 8.74 11.25 9.27
N THR A 161 8.47 10.09 8.68
CA THR A 161 9.07 8.82 9.10
C THR A 161 10.55 8.82 8.78
N GLN A 162 11.39 8.52 9.77
CA GLN A 162 12.84 8.61 9.63
C GLN A 162 13.39 7.55 8.68
N PRO A 163 14.09 7.97 7.60
CA PRO A 163 14.70 6.98 6.70
C PRO A 163 15.81 6.20 7.39
N GLY A 164 16.08 5.00 6.90
CA GLY A 164 17.12 4.15 7.45
C GLY A 164 16.77 2.67 7.44
N ALA A 165 17.66 1.87 8.04
CA ALA A 165 17.50 0.44 8.16
C ALA A 165 17.23 0.11 9.61
N TRP A 166 16.03 -0.37 9.91
CA TRP A 166 15.55 -0.53 11.28
C TRP A 166 15.02 -1.94 11.51
N LYS A 167 15.41 -2.56 12.62
CA LYS A 167 14.98 -3.92 12.93
C LYS A 167 13.75 -3.94 13.84
N ILE A 168 12.79 -4.79 13.51
CA ILE A 168 11.60 -4.98 14.36
C ILE A 168 12.04 -5.57 15.70
N PHE A 169 11.71 -4.87 16.78
CA PHE A 169 12.10 -5.33 18.13
C PHE A 169 10.94 -5.46 19.13
N VAL A 170 9.74 -5.00 18.78
CA VAL A 170 8.54 -5.24 19.59
C VAL A 170 7.40 -5.62 18.66
N LYS A 171 6.68 -6.68 19.03
CA LYS A 171 5.45 -7.06 18.38
C LYS A 171 4.35 -7.18 19.44
N GLU A 172 3.25 -6.45 19.21
CA GLU A 172 2.07 -6.55 20.06
C GLU A 172 0.81 -6.71 19.22
N GLY A 173 -0.07 -7.62 19.64
CA GLY A 173 -1.36 -7.81 18.97
C GLY A 173 -2.14 -6.51 18.88
N THR A 174 -2.12 -5.76 19.98
CA THR A 174 -2.66 -4.41 20.02
C THR A 174 -1.76 -3.57 20.94
N HIS A 175 -1.31 -2.42 20.45
CA HIS A 175 -0.45 -1.53 21.23
C HIS A 175 -1.23 -0.28 21.64
N TRP A 176 -1.18 0.05 22.93
CA TRP A 176 -1.75 1.30 23.41
C TRP A 176 -0.71 2.39 23.28
N SER A 177 -0.97 3.38 22.44
CA SER A 177 -0.07 4.53 22.32
C SER A 177 -0.36 5.48 23.46
N LYS A 178 0.61 5.66 24.34
CA LYS A 178 0.46 6.61 25.45
C LYS A 178 0.43 8.04 24.94
N LYS A 179 1.20 8.33 23.90
CA LYS A 179 1.24 9.67 23.32
C LYS A 179 -0.10 10.04 22.65
N TYR A 180 -0.64 9.14 21.85
CA TYR A 180 -1.82 9.45 21.04
C TYR A 180 -3.13 8.89 21.61
N LYS A 181 -3.05 8.10 22.68
CA LYS A 181 -4.22 7.58 23.39
C LYS A 181 -5.14 6.80 22.45
N VAL A 182 -4.56 5.80 21.80
CA VAL A 182 -5.29 5.01 20.81
C VAL A 182 -4.69 3.61 20.77
N TRP A 183 -5.55 2.63 20.50
CA TRP A 183 -5.11 1.25 20.30
C TRP A 183 -4.66 1.05 18.86
N LEU A 184 -3.47 0.48 18.69
CA LEU A 184 -2.89 0.23 17.37
C LEU A 184 -2.76 -1.28 17.12
N PRO A 185 -3.63 -1.85 16.27
CA PRO A 185 -3.56 -3.29 16.00
C PRO A 185 -2.31 -3.73 15.22
N TYR A 186 -1.85 -4.95 15.51
CA TYR A 186 -0.75 -5.59 14.81
C TYR A 186 0.48 -4.69 14.76
N TRP A 187 0.87 -4.28 15.95
CA TRP A 187 1.95 -3.33 16.18
C TRP A 187 3.30 -4.02 16.04
N GLN A 188 4.17 -3.43 15.21
CA GLN A 188 5.55 -3.90 15.04
C GLN A 188 6.50 -2.70 15.10
N ASN A 189 7.09 -2.48 16.27
CA ASN A 189 7.95 -1.34 16.53
C ASN A 189 9.32 -1.60 15.89
N PHE A 190 9.78 -0.67 15.06
CA PHE A 190 11.11 -0.78 14.45
C PHE A 190 12.07 0.38 14.76
N ASN A 191 11.55 1.52 15.21
CA ASN A 191 12.42 2.67 15.50
C ASN A 191 11.81 3.66 16.48
N ASN A 192 12.16 3.50 17.76
CA ASN A 192 11.78 4.45 18.82
C ASN A 192 10.28 4.78 18.84
N GLY A 193 9.44 3.78 18.57
CA GLY A 193 8.01 4.01 18.55
C GLY A 193 7.42 4.29 17.18
N GLU A 194 8.25 4.38 16.15
CA GLU A 194 7.76 4.34 14.77
C GLU A 194 7.63 2.86 14.42
N GLY A 195 6.42 2.46 14.05
CA GLY A 195 6.12 1.06 13.80
C GLY A 195 5.12 0.81 12.69
N LEU A 196 5.01 -0.44 12.30
CA LEU A 196 3.94 -0.91 11.43
C LEU A 196 2.72 -1.18 12.29
N HIS A 197 1.53 -0.81 11.80
CA HIS A 197 0.28 -1.15 12.46
C HIS A 197 -0.91 -0.92 11.53
N THR A 198 -2.07 -1.46 11.90
CA THR A 198 -3.30 -1.22 11.15
C THR A 198 -3.68 0.25 11.31
N THR A 199 -3.95 0.91 10.18
CA THR A 199 -4.44 2.27 10.18
C THR A 199 -5.71 2.39 11.02
N THR A 200 -5.85 3.48 11.77
CA THR A 200 -7.05 3.72 12.57
C THR A 200 -8.01 4.71 11.91
N THR A 201 -7.58 5.31 10.80
CA THR A 201 -8.43 6.18 10.00
C THR A 201 -8.28 5.79 8.53
N TYR A 202 -9.20 6.26 7.69
CA TYR A 202 -9.19 5.93 6.28
C TYR A 202 -7.83 6.27 5.68
N ILE A 203 -7.16 5.26 5.12
CA ILE A 203 -5.73 5.35 4.79
C ILE A 203 -5.45 6.31 3.62
N HIS A 204 -6.47 6.58 2.80
CA HIS A 204 -6.31 7.41 1.63
C HIS A 204 -6.55 8.91 1.87
N GLU A 205 -6.76 9.30 3.13
N GLU A 205 -6.77 9.31 3.13
CA GLU A 205 -6.84 10.72 3.49
CA GLU A 205 -6.83 10.71 3.51
C GLU A 205 -5.47 11.21 3.92
C GLU A 205 -5.44 11.19 3.92
N PRO A 206 -4.77 11.95 3.03
CA PRO A 206 -3.38 12.32 3.33
C PRO A 206 -3.16 13.29 4.50
N TRP A 207 -4.17 14.07 4.86
CA TRP A 207 -4.00 15.15 5.85
C TRP A 207 -4.20 14.76 7.31
N ILE A 208 -4.64 13.54 7.58
CA ILE A 208 -4.96 13.15 8.97
C ILE A 208 -3.97 12.14 9.57
N GLY A 209 -2.94 11.78 8.81
CA GLY A 209 -1.90 10.88 9.33
C GLY A 209 -0.75 10.63 8.35
N SER A 210 0.25 9.83 8.76
CA SER A 210 0.39 9.34 10.14
C SER A 210 1.19 10.35 10.95
N HIS A 211 1.43 10.03 12.21
CA HIS A 211 2.33 10.84 13.04
C HIS A 211 3.73 10.23 13.16
N GLY A 212 4.11 9.41 12.18
CA GLY A 212 5.45 8.82 12.12
C GLY A 212 5.45 7.35 11.78
N CYS A 213 4.40 6.65 12.21
CA CYS A 213 4.26 5.23 11.94
C CYS A 213 3.92 4.95 10.48
N VAL A 214 4.03 3.68 10.11
CA VAL A 214 3.64 3.20 8.80
C VAL A 214 2.26 2.58 8.93
N ASN A 215 1.22 3.33 8.56
CA ASN A 215 -0.15 2.85 8.59
C ASN A 215 -0.37 1.83 7.46
N LEU A 216 -1.08 0.74 7.79
CA LEU A 216 -1.37 -0.34 6.85
C LEU A 216 -2.86 -0.68 6.83
N LEU A 217 -3.33 -1.22 5.71
CA LEU A 217 -4.68 -1.75 5.63
C LEU A 217 -4.81 -2.97 6.56
N PRO A 218 -6.02 -3.24 7.10
CA PRO A 218 -6.22 -4.36 8.02
C PRO A 218 -5.70 -5.71 7.50
N SER A 219 -6.07 -6.06 6.26
CA SER A 219 -5.64 -7.32 5.67
C SER A 219 -4.11 -7.42 5.57
N ASP A 220 -3.48 -6.35 5.12
CA ASP A 220 -2.01 -6.32 4.99
C ASP A 220 -1.30 -6.37 6.35
N SER A 221 -1.80 -5.62 7.33
CA SER A 221 -1.16 -5.57 8.65
C SER A 221 -1.18 -6.95 9.31
N LYS A 222 -2.30 -7.64 9.20
CA LYS A 222 -2.42 -8.99 9.78
C LYS A 222 -1.45 -9.96 9.10
N LYS A 223 -1.43 -9.92 7.78
N LYS A 223 -1.42 -9.93 7.77
CA LYS A 223 -0.53 -10.75 7.01
CA LYS A 223 -0.51 -10.76 6.99
C LYS A 223 0.94 -10.50 7.33
C LYS A 223 0.95 -10.50 7.36
N LEU A 224 1.32 -9.24 7.46
CA LEU A 224 2.69 -8.87 7.81
C LEU A 224 3.04 -9.24 9.26
N TYR A 225 2.06 -9.16 10.15
CA TYR A 225 2.25 -9.59 11.53
C TYR A 225 2.57 -11.09 11.61
N GLU A 226 1.89 -11.89 10.79
N GLU A 226 1.89 -11.87 10.79
CA GLU A 226 2.13 -13.32 10.73
CA GLU A 226 2.11 -13.32 10.72
C GLU A 226 3.45 -13.66 10.01
C GLU A 226 3.41 -13.67 9.98
N MSE A 227 3.75 -12.90 8.95
CA MSE A 227 4.95 -13.16 8.13
C MSE A 227 6.26 -12.73 8.75
O MSE A 227 7.26 -13.44 8.65
CB MSE A 227 4.79 -12.43 6.79
CG MSE A 227 6.02 -12.52 5.88
SE MSE A 227 5.74 -11.50 4.23
CE MSE A 227 4.37 -12.65 3.43
N LEU A 228 6.28 -11.55 9.36
CA LEU A 228 7.54 -10.96 9.80
C LEU A 228 8.00 -11.48 11.16
N ASP A 229 9.32 -11.53 11.33
CA ASP A 229 9.94 -11.99 12.57
C ASP A 229 10.65 -10.84 13.27
N PHE A 230 10.86 -11.01 14.58
CA PHE A 230 11.80 -10.16 15.31
C PHE A 230 13.12 -10.15 14.54
N GLY A 231 13.72 -8.97 14.43
CA GLY A 231 15.01 -8.85 13.75
C GLY A 231 14.93 -8.63 12.24
N ASP A 232 13.74 -8.79 11.65
CA ASP A 232 13.56 -8.44 10.24
C ASP A 232 13.75 -6.93 10.08
N THR A 233 14.29 -6.53 8.93
CA THR A 233 14.68 -5.15 8.71
C THR A 233 13.56 -4.38 8.02
N VAL A 234 13.26 -3.19 8.53
CA VAL A 234 12.38 -2.26 7.86
C VAL A 234 13.26 -1.20 7.21
N GLN A 235 13.34 -1.25 5.89
CA GLN A 235 14.17 -0.34 5.10
C GLN A 235 13.31 0.81 4.56
N VAL A 236 13.49 1.98 5.17
CA VAL A 236 12.71 3.16 4.85
C VAL A 236 13.56 4.11 3.99
N PHE A 237 13.07 4.44 2.80
CA PHE A 237 13.81 5.27 1.86
C PHE A 237 12.88 6.20 1.08
N GLY A 238 13.48 7.16 0.39
CA GLY A 238 12.74 8.18 -0.32
C GLY A 238 12.22 9.23 0.64
N ASN A 239 11.17 9.93 0.23
CA ASN A 239 10.57 10.99 1.03
C ASN A 239 9.10 11.15 0.64
N ARG A 240 8.22 11.16 1.63
CA ARG A 240 6.80 11.38 1.33
C ARG A 240 6.61 12.78 0.76
N PRO A 241 5.96 12.91 -0.41
CA PRO A 241 5.77 14.23 -1.03
C PRO A 241 5.09 15.21 -0.08
N GLY A 242 5.65 16.41 0.04
CA GLY A 242 5.12 17.42 0.94
C GLY A 242 5.64 17.35 2.38
N THR A 243 6.60 16.47 2.63
CA THR A 243 7.19 16.33 3.98
C THR A 243 8.68 16.66 3.94
S SO4 B . 0.23 -10.23 22.38
O1 SO4 B . 0.04 -11.30 21.39
O2 SO4 B . 1.15 -10.69 23.43
O3 SO4 B . 0.87 -9.12 21.64
O4 SO4 B . -1.01 -9.71 23.01
C1 DIO C . 2.27 15.58 3.90
C2 DIO C . 0.12 16.13 4.76
C1' DIO C . 1.79 15.97 2.51
C2' DIO C . -0.31 16.56 3.37
O1 DIO C . 1.52 16.25 4.92
O1' DIO C . 0.38 15.79 2.41
S SO4 D . 3.90 5.10 23.04
O1 SO4 D . 4.01 4.37 21.76
O2 SO4 D . 5.24 5.26 23.64
O3 SO4 D . 3.33 6.45 22.77
O4 SO4 D . 3.04 4.36 23.98
C1 GOL E . 14.85 -8.55 18.00
O1 GOL E . 14.39 -9.07 19.26
C2 GOL E . 15.77 -7.37 18.27
O2 GOL E . 16.98 -7.82 18.89
C3 GOL E . 16.11 -6.69 16.96
O3 GOL E . 16.87 -5.51 17.27
#